data_5ICG
#
_entry.id   5ICG
#
_cell.length_a   75.380
_cell.length_b   99.310
_cell.length_c   102.040
_cell.angle_alpha   90.000
_cell.angle_beta   90.000
_cell.angle_gamma   90.000
#
_symmetry.space_group_name_H-M   'C 2 2 21'
#
loop_
_entity.id
_entity.type
_entity.pdbx_description
1 polymer '(S)-norcoclaurine 6-O-methyltransferase'
2 non-polymer 'POTASSIUM ION'
3 water water
#
_entity_poly.entity_id   1
_entity_poly.type   'polypeptide(L)'
_entity_poly.pdbx_seq_one_letter_code
;GAMVMINKENLSSQAKLWNFIYGFADSLVLKSAVQLDLANIIHNHGSPMTLSELSLHLPSQPVNQDALYRVLRYLVHMKL
FTKSSIDGELRYGLAPPAKFLVKGWDKCMLGAILTITDKDFMAPWHYLKEGILNDGSTSTAFEKALGTNIWDYMAEHPEK
NQLFNEGMANDTRLIMSALVKECSSMFDGITTIVDVGGGTGTAVRNIAKAFPHIKCTVYDLPHVIADSPGYTEINSIQGD
MFKYIPNADAIMMKCILHDWDDKECIEILKRCKDAVPRDGGKVIIIDIILDVKSEHPYTKMRLTLDLDMMLNTGGKERTE
EEWKKLIHDAGYKGYKITHISAVQSVIEAYPY
;
_entity_poly.pdbx_strand_id   A
#
loop_
_chem_comp.id
_chem_comp.type
_chem_comp.name
_chem_comp.formula
K non-polymer 'POTASSIUM ION' 'K 1'
#
# COMPACT_ATOMS: atom_id res chain seq x y z
N ASN A 10 29.34 -2.58 -24.53
CA ASN A 10 28.00 -3.15 -24.45
C ASN A 10 27.61 -3.61 -23.03
N LEU A 11 27.85 -2.76 -22.04
CA LEU A 11 27.73 -3.18 -20.63
C LEU A 11 26.50 -2.65 -19.88
N SER A 12 25.50 -2.15 -20.61
CA SER A 12 24.29 -1.69 -19.95
C SER A 12 23.59 -2.88 -19.35
N SER A 13 23.73 -4.01 -20.03
CA SER A 13 23.21 -5.28 -19.55
C SER A 13 23.78 -5.60 -18.17
N GLN A 14 25.10 -5.49 -18.02
CA GLN A 14 25.75 -5.86 -16.77
C GLN A 14 25.37 -4.85 -15.69
N ALA A 15 25.14 -3.61 -16.11
CA ALA A 15 24.80 -2.54 -15.18
C ALA A 15 23.38 -2.68 -14.59
N LYS A 16 22.41 -3.09 -15.41
CA LYS A 16 21.05 -3.38 -14.94
C LYS A 16 21.15 -4.31 -13.76
N LEU A 17 21.92 -5.38 -13.96
CA LEU A 17 22.03 -6.47 -13.00
C LEU A 17 22.76 -6.01 -11.75
N TRP A 18 23.83 -5.25 -11.93
CA TRP A 18 24.54 -4.67 -10.80
C TRP A 18 23.58 -3.79 -9.99
N ASN A 19 22.82 -2.94 -10.67
CA ASN A 19 21.82 -2.08 -10.04
C ASN A 19 20.68 -2.87 -9.37
N PHE A 20 20.31 -4.00 -9.95
CA PHE A 20 19.36 -4.87 -9.29
C PHE A 20 19.95 -5.45 -8.03
N ILE A 21 21.20 -5.87 -8.09
CA ILE A 21 21.86 -6.41 -6.92
C ILE A 21 21.85 -5.39 -5.77
N TYR A 22 22.15 -4.14 -6.10
CA TYR A 22 22.20 -3.08 -5.09
C TYR A 22 20.90 -2.31 -4.90
N GLY A 23 19.81 -2.85 -5.45
CA GLY A 23 18.51 -2.25 -5.24
C GLY A 23 18.20 -1.93 -3.78
N PHE A 24 18.74 -2.71 -2.85
CA PHE A 24 18.55 -2.48 -1.42
C PHE A 24 19.21 -1.20 -0.92
N ALA A 25 20.21 -0.71 -1.65
CA ALA A 25 20.92 0.51 -1.23
C ALA A 25 19.98 1.72 -1.33
N ASP A 26 19.14 1.73 -2.37
CA ASP A 26 18.09 2.76 -2.51
C ASP A 26 17.16 2.76 -1.30
N SER A 27 16.61 1.59 -0.99
CA SER A 27 15.73 1.41 0.15
C SER A 27 16.38 1.96 1.43
N LEU A 28 17.65 1.64 1.63
CA LEU A 28 18.27 1.90 2.93
C LEU A 28 18.89 3.29 3.06
N VAL A 29 19.34 3.87 1.95
CA VAL A 29 19.73 5.28 1.98
C VAL A 29 18.49 6.13 2.27
N LEU A 30 17.45 5.92 1.48
CA LEU A 30 16.15 6.57 1.72
C LEU A 30 15.68 6.38 3.17
N LYS A 31 15.81 5.17 3.70
CA LYS A 31 15.47 4.91 5.09
C LYS A 31 16.19 5.89 6.03
N SER A 32 17.49 6.06 5.86
CA SER A 32 18.23 6.96 6.73
C SER A 32 17.73 8.41 6.59
N ALA A 33 17.42 8.82 5.35
CA ALA A 33 16.89 10.17 5.10
C ALA A 33 15.55 10.43 5.81
N VAL A 34 14.73 9.40 5.89
CA VAL A 34 13.48 9.51 6.61
C VAL A 34 13.76 9.50 8.11
N GLN A 35 14.65 8.63 8.53
CA GLN A 35 15.01 8.52 9.93
C GLN A 35 15.55 9.84 10.45
N LEU A 36 16.47 10.43 9.68
CA LEU A 36 17.01 11.73 9.99
C LEU A 36 16.06 12.88 9.61
N ASP A 37 14.92 12.53 9.01
CA ASP A 37 13.90 13.52 8.62
C ASP A 37 14.45 14.67 7.80
N LEU A 38 15.32 14.35 6.85
CA LEU A 38 16.10 15.37 6.13
C LEU A 38 15.23 16.33 5.31
N ALA A 39 14.17 15.78 4.72
CA ALA A 39 13.39 16.53 3.74
C ALA A 39 12.55 17.59 4.42
N ASN A 40 11.88 17.19 5.50
CA ASN A 40 11.08 18.10 6.30
C ASN A 40 11.90 19.26 6.80
N ILE A 41 13.03 18.92 7.40
CA ILE A 41 13.91 19.88 8.00
C ILE A 41 14.26 20.97 6.99
N ILE A 42 14.62 20.53 5.77
CA ILE A 42 15.00 21.45 4.70
C ILE A 42 13.84 22.32 4.21
N HIS A 43 12.68 21.70 4.05
CA HIS A 43 11.47 22.40 3.69
C HIS A 43 11.03 23.33 4.82
N ASN A 44 11.12 22.85 6.06
CA ASN A 44 10.76 23.68 7.19
C ASN A 44 11.75 24.84 7.34
N HIS A 45 12.93 24.68 6.76
CA HIS A 45 13.91 25.74 6.82
C HIS A 45 13.57 26.88 5.85
N GLY A 46 12.84 26.55 4.79
CA GLY A 46 12.41 27.56 3.84
C GLY A 46 13.50 27.95 2.86
N SER A 47 14.71 27.49 3.10
CA SER A 47 15.79 27.74 2.17
C SER A 47 16.79 26.59 2.20
N PRO A 48 17.49 26.34 1.08
CA PRO A 48 18.40 25.18 0.99
C PRO A 48 19.52 25.28 2.02
N MET A 49 19.89 24.16 2.62
CA MET A 49 20.77 24.19 3.78
C MET A 49 22.16 23.67 3.47
N THR A 50 23.16 24.20 4.16
CA THR A 50 24.50 23.69 4.01
C THR A 50 24.66 22.44 4.87
N LEU A 51 25.75 21.73 4.64
CA LEU A 51 26.07 20.54 5.44
C LEU A 51 25.99 20.82 6.97
N SER A 52 26.74 21.81 7.45
CA SER A 52 26.74 22.13 8.88
C SER A 52 25.38 22.61 9.41
N GLU A 53 24.65 23.37 8.62
CA GLU A 53 23.31 23.81 9.02
C GLU A 53 22.37 22.63 9.19
N LEU A 54 22.37 21.77 8.18
CA LEU A 54 21.58 20.56 8.23
C LEU A 54 22.03 19.70 9.40
N SER A 55 23.35 19.60 9.59
CA SER A 55 23.90 18.81 10.68
C SER A 55 23.41 19.27 12.05
N LEU A 56 23.32 20.56 12.25
CA LEU A 56 22.94 21.08 13.56
C LEU A 56 21.47 20.88 13.88
N HIS A 57 20.64 20.67 12.86
CA HIS A 57 19.23 20.35 13.05
C HIS A 57 18.98 18.88 13.41
N LEU A 58 20.04 18.09 13.53
CA LEU A 58 19.89 16.65 13.73
C LEU A 58 19.77 16.23 15.19
N PRO A 59 19.00 15.17 15.46
CA PRO A 59 18.58 14.72 16.79
C PRO A 59 19.69 14.71 17.83
N SER A 60 20.86 14.22 17.45
CA SER A 60 21.99 14.10 18.38
C SER A 60 23.23 14.76 17.78
N GLN A 61 24.21 15.01 18.63
CA GLN A 61 25.38 15.80 18.28
C GLN A 61 26.60 15.20 18.98
N PRO A 62 27.79 15.30 18.37
CA PRO A 62 28.08 15.93 17.09
C PRO A 62 27.86 14.98 15.91
N VAL A 63 27.59 15.56 14.74
CA VAL A 63 27.34 14.79 13.55
C VAL A 63 28.59 14.56 12.72
N ASN A 64 28.70 13.36 12.15
CA ASN A 64 29.71 13.03 11.17
C ASN A 64 29.35 13.64 9.83
N GLN A 65 29.92 14.82 9.57
CA GLN A 65 29.69 15.59 8.35
C GLN A 65 29.98 14.77 7.11
N ASP A 66 31.01 13.96 7.16
CA ASP A 66 31.46 13.25 5.98
C ASP A 66 30.48 12.16 5.56
N ALA A 67 29.93 11.47 6.55
CA ALA A 67 28.97 10.40 6.30
C ALA A 67 27.71 11.05 5.75
N LEU A 68 27.31 12.14 6.38
CA LEU A 68 26.15 12.91 5.94
C LEU A 68 26.33 13.42 4.51
N TYR A 69 27.55 13.81 4.16
CA TYR A 69 27.82 14.30 2.82
C TYR A 69 27.72 13.18 1.80
N ARG A 70 28.21 11.99 2.15
CA ARG A 70 28.24 10.88 1.22
C ARG A 70 26.85 10.28 1.03
N VAL A 71 26.00 10.44 2.03
CA VAL A 71 24.63 9.97 1.92
C VAL A 71 23.80 10.98 1.13
N LEU A 72 24.11 12.26 1.30
CA LEU A 72 23.43 13.30 0.55
C LEU A 72 23.72 13.14 -0.93
N ARG A 73 25.00 12.97 -1.26
CA ARG A 73 25.44 12.73 -2.63
C ARG A 73 24.63 11.59 -3.27
N TYR A 74 24.36 10.56 -2.50
CA TYR A 74 23.57 9.44 -2.99
C TYR A 74 22.10 9.87 -3.21
N LEU A 75 21.51 10.49 -2.18
CA LEU A 75 20.16 11.01 -2.29
C LEU A 75 20.03 11.97 -3.47
N VAL A 76 21.03 12.82 -3.67
CA VAL A 76 21.02 13.74 -4.79
C VAL A 76 21.12 13.02 -6.13
N HIS A 77 21.98 12.02 -6.20
CA HIS A 77 22.04 11.21 -7.40
C HIS A 77 20.74 10.44 -7.67
N MET A 78 20.05 10.01 -6.61
CA MET A 78 18.75 9.34 -6.76
C MET A 78 17.70 10.29 -7.31
N LYS A 79 18.08 11.58 -7.37
CA LYS A 79 17.18 12.67 -7.77
C LYS A 79 16.01 12.87 -6.82
N LEU A 80 16.27 12.76 -5.52
CA LEU A 80 15.27 13.03 -4.50
C LEU A 80 15.62 14.34 -3.85
N PHE A 81 16.93 14.57 -3.75
CA PHE A 81 17.46 15.81 -3.22
C PHE A 81 18.24 16.57 -4.28
N THR A 82 18.39 17.87 -4.09
CA THR A 82 19.19 18.69 -4.99
C THR A 82 20.46 19.18 -4.29
N LYS A 83 21.52 19.36 -5.07
CA LYS A 83 22.71 20.02 -4.57
C LYS A 83 22.96 21.24 -5.44
N SER A 84 23.12 22.41 -4.81
CA SER A 84 23.33 23.66 -5.55
C SER A 84 24.35 24.57 -4.89
N SER A 85 25.17 25.22 -5.70
CA SER A 85 26.16 26.17 -5.20
C SER A 85 25.60 27.59 -5.13
N ILE A 86 25.44 28.09 -3.91
CA ILE A 86 24.84 29.41 -3.69
C ILE A 86 25.78 30.27 -2.82
N ASP A 87 26.23 31.38 -3.39
CA ASP A 87 27.43 32.04 -2.91
C ASP A 87 28.55 31.02 -3.01
N GLY A 88 29.40 30.99 -1.98
CA GLY A 88 30.51 30.06 -2.00
C GLY A 88 30.17 28.83 -1.18
N GLU A 89 28.89 28.47 -1.14
CA GLU A 89 28.45 27.40 -0.26
C GLU A 89 27.69 26.34 -1.04
N LEU A 90 27.87 25.09 -0.65
CA LEU A 90 27.09 24.01 -1.24
C LEU A 90 25.81 23.78 -0.42
N ARG A 91 24.67 24.00 -1.06
CA ARG A 91 23.37 23.93 -0.41
C ARG A 91 22.44 22.85 -1.00
N TYR A 92 21.77 22.12 -0.10
CA TYR A 92 20.96 20.97 -0.47
C TYR A 92 19.48 21.28 -0.40
N GLY A 93 18.77 21.03 -1.49
CA GLY A 93 17.33 21.19 -1.52
C GLY A 93 16.59 19.90 -1.80
N LEU A 94 15.33 20.01 -2.21
CA LEU A 94 14.48 18.85 -2.46
C LEU A 94 14.10 18.80 -3.93
N ALA A 95 14.40 17.68 -4.58
CA ALA A 95 13.91 17.44 -5.93
C ALA A 95 12.44 17.06 -5.79
N PRO A 96 11.69 17.20 -6.88
CA PRO A 96 10.23 17.06 -6.81
C PRO A 96 9.74 15.78 -6.10
N PRO A 97 10.36 14.61 -6.35
CA PRO A 97 9.85 13.41 -5.68
C PRO A 97 9.88 13.51 -4.16
N ALA A 98 10.67 14.42 -3.60
CA ALA A 98 10.79 14.51 -2.15
C ALA A 98 9.58 15.19 -1.45
N LYS A 99 8.63 15.68 -2.23
CA LYS A 99 7.43 16.26 -1.63
C LYS A 99 6.72 15.22 -0.77
N PHE A 100 6.92 13.95 -1.12
CA PHE A 100 6.32 12.89 -0.35
C PHE A 100 7.15 12.57 0.87
N LEU A 101 8.22 13.34 1.08
CA LEU A 101 9.05 13.21 2.28
C LEU A 101 8.84 14.39 3.23
N VAL A 102 7.86 15.22 2.90
CA VAL A 102 7.45 16.32 3.77
C VAL A 102 6.15 16.00 4.53
N LYS A 103 6.14 16.30 5.83
CA LYS A 103 4.95 16.14 6.67
C LYS A 103 3.80 17.06 6.26
N GLY A 104 2.62 16.74 6.78
CA GLY A 104 1.49 17.66 6.71
C GLY A 104 0.62 17.64 5.46
N TRP A 105 0.70 16.56 4.69
CA TRP A 105 -0.26 16.35 3.61
C TRP A 105 -0.55 14.87 3.41
N ASP A 106 -1.72 14.58 2.84
CA ASP A 106 -2.28 13.24 2.81
C ASP A 106 -1.39 12.22 2.12
N LYS A 107 -0.53 12.67 1.23
CA LYS A 107 0.31 11.74 0.48
C LYS A 107 1.72 11.56 1.06
N CYS A 108 1.97 12.13 2.24
CA CYS A 108 3.22 11.91 2.96
C CYS A 108 3.50 10.41 3.08
N MET A 109 4.70 9.99 2.70
CA MET A 109 5.01 8.57 2.65
C MET A 109 6.00 8.16 3.73
N LEU A 110 6.28 9.09 4.64
CA LEU A 110 7.28 8.86 5.68
C LEU A 110 6.99 7.65 6.55
N GLY A 111 5.72 7.43 6.89
CA GLY A 111 5.37 6.28 7.71
C GLY A 111 5.53 4.99 6.93
N ALA A 112 4.94 4.94 5.74
CA ALA A 112 5.16 3.86 4.82
C ALA A 112 6.63 3.52 4.81
N ILE A 113 7.48 4.52 4.60
CA ILE A 113 8.89 4.26 4.46
C ILE A 113 9.46 3.60 5.73
N LEU A 114 9.18 4.21 6.88
CA LEU A 114 9.69 3.66 8.13
C LEU A 114 9.22 2.23 8.34
N THR A 115 8.01 1.94 7.90
CA THR A 115 7.46 0.62 8.10
C THR A 115 8.13 -0.37 7.15
N ILE A 116 7.99 -0.12 5.86
CA ILE A 116 8.46 -1.03 4.83
C ILE A 116 9.96 -1.32 4.97
N THR A 117 10.77 -0.32 5.34
CA THR A 117 12.22 -0.50 5.43
C THR A 117 12.70 -0.87 6.84
N ASP A 118 11.79 -1.19 7.74
CA ASP A 118 12.17 -1.74 9.04
C ASP A 118 12.95 -3.05 8.83
N LYS A 119 14.11 -3.16 9.47
CA LYS A 119 14.96 -4.33 9.32
C LYS A 119 14.17 -5.64 9.52
N ASP A 120 13.23 -5.63 10.46
CA ASP A 120 12.44 -6.83 10.79
C ASP A 120 11.42 -7.10 9.71
N PHE A 121 10.92 -6.02 9.09
CA PHE A 121 9.90 -6.15 8.03
C PHE A 121 10.51 -6.40 6.65
N MET A 122 11.84 -6.30 6.55
CA MET A 122 12.51 -6.68 5.34
C MET A 122 12.95 -8.11 5.51
N ALA A 123 13.24 -8.46 6.75
CA ALA A 123 13.68 -9.79 7.13
C ALA A 123 13.01 -10.95 6.33
N PRO A 124 11.66 -11.02 6.32
CA PRO A 124 10.99 -12.13 5.62
C PRO A 124 11.36 -12.29 4.14
N TRP A 125 11.92 -11.25 3.53
CA TRP A 125 12.28 -11.32 2.11
C TRP A 125 13.55 -12.16 1.91
N HIS A 126 14.20 -12.51 3.01
CA HIS A 126 15.38 -13.37 2.95
C HIS A 126 14.99 -14.84 2.99
N TYR A 127 13.69 -15.11 3.07
CA TYR A 127 13.24 -16.48 3.16
C TYR A 127 12.38 -16.84 1.97
N LEU A 128 12.66 -16.20 0.85
CA LEU A 128 11.96 -16.47 -0.39
C LEU A 128 12.27 -17.85 -0.88
N LYS A 129 13.53 -18.25 -0.71
CA LYS A 129 13.96 -19.57 -1.11
C LYS A 129 13.29 -20.68 -0.28
N GLU A 130 13.18 -20.47 1.03
CA GLU A 130 12.48 -21.45 1.89
C GLU A 130 10.96 -21.40 1.72
N GLY A 131 10.46 -20.29 1.19
CA GLY A 131 9.08 -20.23 0.75
C GLY A 131 8.86 -21.22 -0.38
N ILE A 132 9.87 -21.36 -1.23
CA ILE A 132 9.77 -22.26 -2.38
C ILE A 132 10.06 -23.74 -2.07
N LEU A 133 11.05 -23.97 -1.21
CA LEU A 133 11.43 -25.33 -0.80
C LEU A 133 10.76 -25.76 0.51
N ASN A 134 10.29 -27.01 0.56
CA ASN A 134 9.56 -27.50 1.73
C ASN A 134 10.49 -28.03 2.82
N ASP A 135 10.30 -27.52 4.03
CA ASP A 135 11.17 -27.87 5.16
C ASP A 135 10.44 -28.70 6.21
N SER A 137 7.51 -27.41 6.51
CA SER A 137 7.26 -26.18 7.26
C SER A 137 5.94 -25.54 6.83
N THR A 138 5.35 -24.79 7.75
CA THR A 138 4.03 -24.18 7.54
C THR A 138 4.06 -22.73 8.00
N SER A 139 5.16 -22.38 8.66
CA SER A 139 5.42 -21.02 9.09
C SER A 139 5.42 -20.05 7.91
N THR A 140 5.08 -18.79 8.18
CA THR A 140 5.24 -17.75 7.18
C THR A 140 6.70 -17.31 7.19
N ALA A 141 7.13 -16.73 6.07
CA ALA A 141 8.49 -16.18 6.01
C ALA A 141 8.71 -15.26 7.19
N PHE A 142 7.68 -14.50 7.54
CA PHE A 142 7.75 -13.66 8.71
C PHE A 142 8.08 -14.48 9.96
N GLU A 143 7.36 -15.57 10.15
CA GLU A 143 7.52 -16.34 11.37
C GLU A 143 8.90 -16.97 11.38
N LYS A 144 9.34 -17.41 10.21
CA LYS A 144 10.66 -18.00 10.06
C LYS A 144 11.80 -17.01 10.37
N ALA A 145 11.60 -15.73 10.08
CA ALA A 145 12.67 -14.76 10.29
C ALA A 145 12.66 -14.14 11.68
N LEU A 146 11.48 -14.11 12.32
CA LEU A 146 11.36 -13.43 13.60
C LEU A 146 10.88 -14.34 14.75
N GLY A 147 10.61 -15.60 14.44
CA GLY A 147 10.26 -16.57 15.47
C GLY A 147 8.95 -16.31 16.18
N THR A 148 8.21 -15.31 15.72
CA THR A 148 6.87 -15.08 16.22
C THR A 148 5.96 -14.79 15.06
N ASN A 149 4.65 -14.78 15.31
CA ASN A 149 3.71 -14.30 14.32
C ASN A 149 3.56 -12.79 14.45
N ILE A 150 2.95 -12.15 13.46
CA ILE A 150 2.87 -10.69 13.45
C ILE A 150 2.09 -10.16 14.63
N TRP A 151 0.94 -10.75 14.90
CA TRP A 151 0.10 -10.37 16.03
C TRP A 151 0.95 -10.20 17.27
N ASP A 152 1.54 -11.31 17.70
CA ASP A 152 2.49 -11.27 18.80
C ASP A 152 3.51 -10.17 18.61
N TYR A 153 4.13 -10.15 17.43
CA TYR A 153 5.20 -9.20 17.16
C TYR A 153 4.76 -7.77 17.41
N MET A 154 3.66 -7.42 16.77
CA MET A 154 3.07 -6.10 16.88
C MET A 154 2.77 -5.73 18.33
N ALA A 155 2.32 -6.71 19.11
CA ALA A 155 2.01 -6.46 20.51
C ALA A 155 3.28 -6.07 21.27
N GLU A 156 4.36 -6.76 20.99
CA GLU A 156 5.64 -6.50 21.66
CA GLU A 156 5.62 -6.49 21.67
C GLU A 156 6.32 -5.27 21.07
N HIS A 157 5.77 -4.73 19.99
CA HIS A 157 6.29 -3.51 19.37
C HIS A 157 5.17 -2.54 19.08
N PRO A 158 4.51 -2.06 20.14
CA PRO A 158 3.29 -1.25 20.09
C PRO A 158 3.45 0.00 19.24
N GLU A 159 4.62 0.62 19.28
CA GLU A 159 4.85 1.81 18.45
C GLU A 159 4.77 1.46 16.97
N LYS A 160 5.47 0.38 16.59
CA LYS A 160 5.51 -0.07 15.20
C LYS A 160 4.12 -0.42 14.77
N ASN A 161 3.36 -0.95 15.71
CA ASN A 161 1.97 -1.29 15.50
C ASN A 161 1.09 -0.05 15.31
N GLN A 162 1.20 0.90 16.23
CA GLN A 162 0.47 2.16 16.13
C GLN A 162 0.72 2.83 14.78
N LEU A 163 1.98 2.93 14.39
CA LEU A 163 2.32 3.52 13.09
C LEU A 163 1.70 2.70 11.98
N PHE A 164 1.72 1.39 12.13
CA PHE A 164 1.20 0.52 11.11
C PHE A 164 -0.32 0.68 10.94
N ASN A 165 -1.04 0.67 12.06
CA ASN A 165 -2.47 0.93 12.01
C ASN A 165 -2.77 2.29 11.38
N GLU A 166 -2.09 3.34 11.84
CA GLU A 166 -2.32 4.66 11.26
C GLU A 166 -2.06 4.61 9.76
N GLY A 167 -1.08 3.80 9.37
CA GLY A 167 -0.81 3.58 7.97
C GLY A 167 -2.01 2.99 7.27
N MET A 168 -2.53 1.89 7.78
CA MET A 168 -3.67 1.28 7.12
CA MET A 168 -3.72 1.24 7.23
C MET A 168 -4.88 2.24 7.14
N ALA A 169 -5.13 2.90 8.26
CA ALA A 169 -6.23 3.84 8.32
C ALA A 169 -6.10 4.91 7.24
N ASN A 170 -4.88 5.40 7.01
CA ASN A 170 -4.65 6.44 6.01
C ASN A 170 -4.80 5.94 4.57
N ASP A 171 -4.46 4.68 4.35
CA ASP A 171 -4.58 4.11 3.00
C ASP A 171 -6.05 3.95 2.65
N THR A 172 -6.89 3.70 3.66
CA THR A 172 -8.32 3.51 3.45
C THR A 172 -8.99 4.84 3.14
N ARG A 173 -8.54 5.91 3.78
CA ARG A 173 -9.06 7.23 3.49
C ARG A 173 -8.78 7.51 2.02
N LEU A 174 -7.54 7.27 1.60
CA LEU A 174 -7.13 7.60 0.24
C LEU A 174 -7.87 6.75 -0.79
N ILE A 175 -8.06 5.47 -0.47
CA ILE A 175 -8.80 4.57 -1.34
C ILE A 175 -10.26 4.98 -1.46
N MET A 176 -10.91 5.11 -0.31
CA MET A 176 -12.30 5.57 -0.24
C MET A 176 -12.52 6.90 -0.97
N SER A 177 -11.59 7.83 -0.76
CA SER A 177 -11.70 9.16 -1.33
C SER A 177 -11.60 9.14 -2.86
N ALA A 178 -10.67 8.35 -3.39
CA ALA A 178 -10.53 8.23 -4.83
C ALA A 178 -11.78 7.55 -5.38
N LEU A 179 -12.35 6.66 -4.58
CA LEU A 179 -13.56 5.96 -4.97
C LEU A 179 -14.73 6.94 -5.16
N VAL A 180 -15.15 7.61 -4.09
CA VAL A 180 -16.27 8.56 -4.20
C VAL A 180 -15.99 9.70 -5.20
N LYS A 181 -14.76 10.17 -5.28
CA LYS A 181 -14.46 11.24 -6.23
C LYS A 181 -14.35 10.74 -7.68
N GLU A 182 -13.56 9.70 -7.91
CA GLU A 182 -13.34 9.23 -9.30
C GLU A 182 -14.43 8.32 -9.83
N CYS A 183 -15.09 7.57 -8.95
CA CYS A 183 -16.06 6.54 -9.35
C CYS A 183 -17.47 6.78 -8.86
N SER A 184 -17.84 8.04 -8.64
CA SER A 184 -19.17 8.31 -8.09
C SER A 184 -20.29 7.78 -8.97
N SER A 185 -20.09 7.78 -10.29
CA SER A 185 -21.13 7.30 -11.19
C SER A 185 -21.50 5.84 -10.89
N MET A 186 -20.58 5.11 -10.25
CA MET A 186 -20.83 3.70 -9.92
C MET A 186 -21.94 3.51 -8.90
N PHE A 187 -22.34 4.58 -8.22
CA PHE A 187 -23.39 4.50 -7.20
C PHE A 187 -24.71 5.06 -7.71
N ASP A 188 -24.72 5.47 -8.97
CA ASP A 188 -25.96 5.97 -9.54
C ASP A 188 -27.06 4.92 -9.39
N GLY A 189 -28.24 5.35 -8.99
CA GLY A 189 -29.37 4.45 -8.86
C GLY A 189 -29.39 3.64 -7.58
N ILE A 190 -28.22 3.49 -6.95
CA ILE A 190 -28.06 2.74 -5.71
C ILE A 190 -28.69 3.49 -4.53
N THR A 191 -29.46 2.77 -3.72
CA THR A 191 -30.03 3.38 -2.52
C THR A 191 -29.59 2.68 -1.25
N THR A 192 -29.01 1.49 -1.38
CA THR A 192 -28.45 0.82 -0.22
C THR A 192 -27.17 0.13 -0.62
N ILE A 193 -26.26 -0.02 0.34
CA ILE A 193 -24.98 -0.66 0.09
C ILE A 193 -24.51 -1.34 1.36
N VAL A 194 -24.02 -2.57 1.25
CA VAL A 194 -23.42 -3.22 2.40
C VAL A 194 -21.91 -3.29 2.22
N ASP A 195 -21.18 -2.80 3.21
CA ASP A 195 -19.72 -2.82 3.20
C ASP A 195 -19.24 -4.04 3.97
N VAL A 196 -18.90 -5.09 3.26
CA VAL A 196 -18.40 -6.29 3.92
C VAL A 196 -16.94 -6.14 4.38
N GLY A 197 -16.70 -6.42 5.65
CA GLY A 197 -15.37 -6.31 6.21
C GLY A 197 -15.00 -4.87 6.52
N GLY A 198 -16.02 -4.02 6.64
CA GLY A 198 -15.79 -2.61 6.92
C GLY A 198 -15.69 -2.28 8.40
N GLY A 199 -15.61 -3.33 9.22
CA GLY A 199 -15.46 -3.19 10.67
C GLY A 199 -16.29 -2.11 11.32
N THR A 200 -15.62 -1.03 11.72
CA THR A 200 -16.27 0.06 12.45
C THR A 200 -17.29 0.79 11.58
N GLY A 201 -16.95 0.92 10.29
CA GLY A 201 -17.78 1.63 9.35
C GLY A 201 -17.14 2.93 8.90
N THR A 202 -15.88 3.13 9.28
CA THR A 202 -15.17 4.36 8.92
C THR A 202 -15.14 4.51 7.42
N ALA A 203 -14.93 3.39 6.73
CA ALA A 203 -14.68 3.40 5.30
C ALA A 203 -15.96 3.71 4.55
N VAL A 204 -17.03 3.00 4.91
CA VAL A 204 -18.31 3.18 4.24
C VAL A 204 -18.87 4.56 4.56
N ARG A 205 -18.55 5.08 5.73
CA ARG A 205 -18.98 6.42 6.10
C ARG A 205 -18.66 7.46 5.03
N ASN A 206 -17.54 7.28 4.32
CA ASN A 206 -17.20 8.15 3.19
C ASN A 206 -18.30 8.14 2.13
N ILE A 207 -18.89 6.96 1.91
CA ILE A 207 -20.02 6.80 1.01
C ILE A 207 -21.30 7.40 1.58
N ALA A 208 -21.60 7.15 2.85
CA ALA A 208 -22.79 7.76 3.46
C ALA A 208 -22.70 9.28 3.41
N LYS A 209 -21.50 9.80 3.61
CA LYS A 209 -21.29 11.24 3.62
C LYS A 209 -21.47 11.86 2.21
N ALA A 210 -20.86 11.24 1.22
CA ALA A 210 -20.89 11.72 -0.15
C ALA A 210 -22.26 11.52 -0.79
N PHE A 211 -22.94 10.44 -0.40
CA PHE A 211 -24.25 10.08 -0.93
C PHE A 211 -25.22 9.78 0.21
N PRO A 212 -25.79 10.84 0.81
CA PRO A 212 -26.68 10.78 1.97
C PRO A 212 -27.93 9.96 1.65
N HIS A 213 -28.30 9.89 0.39
CA HIS A 213 -29.45 9.11 -0.02
C HIS A 213 -29.18 7.60 -0.03
N ILE A 214 -27.94 7.21 0.31
CA ILE A 214 -27.63 5.79 0.39
C ILE A 214 -27.48 5.31 1.81
N LYS A 215 -28.27 4.29 2.16
CA LYS A 215 -28.12 3.61 3.44
C LYS A 215 -26.92 2.65 3.38
N CYS A 216 -25.96 2.87 4.27
CA CYS A 216 -24.75 2.08 4.32
C CYS A 216 -24.73 1.20 5.55
N THR A 217 -24.63 -0.10 5.31
CA THR A 217 -24.51 -1.09 6.37
C THR A 217 -23.13 -1.74 6.36
N VAL A 218 -22.61 -2.03 7.54
CA VAL A 218 -21.40 -2.83 7.61
C VAL A 218 -21.76 -4.26 8.02
N TYR A 219 -21.10 -5.23 7.40
CA TYR A 219 -21.23 -6.63 7.81
C TYR A 219 -19.85 -7.25 7.80
N ASP A 220 -19.31 -7.49 8.99
CA ASP A 220 -18.06 -8.21 9.12
C ASP A 220 -18.39 -9.68 9.17
N LEU A 221 -17.49 -10.49 8.65
CA LEU A 221 -17.67 -11.92 8.66
C LEU A 221 -17.15 -12.53 9.96
N PRO A 222 -17.91 -13.46 10.53
CA PRO A 222 -17.35 -14.19 11.66
C PRO A 222 -16.05 -14.84 11.22
N HIS A 223 -15.07 -14.86 12.10
CA HIS A 223 -13.84 -15.54 11.76
C HIS A 223 -13.15 -16.00 13.03
N VAL A 224 -12.25 -16.96 12.87
CA VAL A 224 -11.54 -17.56 13.98
C VAL A 224 -10.19 -16.88 14.16
N ILE A 225 -9.70 -16.84 15.39
CA ILE A 225 -8.43 -16.18 15.69
C ILE A 225 -7.24 -17.14 15.62
N ILE A 245 -24.24 -11.51 3.50
CA ILE A 245 -25.60 -11.86 3.94
C ILE A 245 -26.61 -10.71 3.75
N PRO A 246 -26.44 -9.58 4.49
CA PRO A 246 -27.43 -8.49 4.43
C PRO A 246 -27.79 -8.06 3.01
N ASN A 247 -29.05 -7.70 2.78
CA ASN A 247 -29.49 -7.28 1.44
C ASN A 247 -29.29 -5.81 1.14
N ALA A 248 -28.91 -5.53 -0.11
CA ALA A 248 -28.62 -4.17 -0.55
C ALA A 248 -28.65 -4.12 -2.06
N ASP A 249 -28.70 -2.92 -2.62
CA ASP A 249 -28.60 -2.75 -4.07
C ASP A 249 -27.20 -3.13 -4.51
N ALA A 250 -26.22 -2.80 -3.68
CA ALA A 250 -24.84 -3.14 -4.00
C ALA A 250 -24.09 -3.64 -2.77
N ILE A 251 -23.14 -4.53 -2.99
CA ILE A 251 -22.25 -4.94 -1.93
C ILE A 251 -20.85 -4.42 -2.25
N MET A 252 -20.08 -4.11 -1.22
CA MET A 252 -18.75 -3.58 -1.40
C MET A 252 -17.72 -4.43 -0.67
N MET A 253 -16.61 -4.68 -1.33
CA MET A 253 -15.51 -5.35 -0.66
C MET A 253 -14.21 -4.65 -0.96
N LYS A 254 -13.75 -3.88 0.02
CA LYS A 254 -12.52 -3.10 -0.13
C LYS A 254 -11.35 -3.85 0.47
N CYS A 255 -10.56 -4.49 -0.39
CA CYS A 255 -9.33 -5.21 0.02
C CYS A 255 -9.60 -6.41 0.92
N ILE A 256 -10.77 -7.01 0.74
CA ILE A 256 -11.16 -8.22 1.43
C ILE A 256 -10.57 -9.41 0.70
N LEU A 257 -10.91 -9.53 -0.58
CA LEU A 257 -10.75 -10.75 -1.35
C LEU A 257 -9.30 -11.21 -1.54
N HIS A 258 -8.36 -10.26 -1.61
CA HIS A 258 -6.96 -10.62 -1.81
C HIS A 258 -6.38 -11.39 -0.61
N ASP A 259 -7.23 -11.61 0.39
CA ASP A 259 -6.87 -12.42 1.55
C ASP A 259 -7.47 -13.84 1.46
N TRP A 260 -8.61 -13.97 0.81
CA TRP A 260 -9.28 -15.27 0.73
C TRP A 260 -8.83 -16.03 -0.51
N ASP A 261 -8.70 -17.35 -0.41
CA ASP A 261 -8.37 -18.16 -1.58
C ASP A 261 -9.60 -18.30 -2.47
N ASP A 262 -9.44 -19.03 -3.57
CA ASP A 262 -10.49 -19.11 -4.56
C ASP A 262 -11.80 -19.70 -4.02
N LYS A 263 -11.70 -20.72 -3.18
CA LYS A 263 -12.91 -21.34 -2.62
C LYS A 263 -13.75 -20.27 -1.97
N GLU A 264 -13.19 -19.68 -0.92
CA GLU A 264 -13.87 -18.64 -0.15
C GLU A 264 -14.33 -17.47 -1.03
N CYS A 265 -13.47 -17.01 -1.93
CA CYS A 265 -13.82 -15.90 -2.82
C CYS A 265 -15.12 -16.16 -3.59
N ILE A 266 -15.25 -17.34 -4.17
CA ILE A 266 -16.44 -17.67 -4.95
C ILE A 266 -17.70 -17.82 -4.08
N GLU A 267 -17.54 -18.44 -2.91
CA GLU A 267 -18.67 -18.54 -1.98
C GLU A 267 -19.18 -17.17 -1.60
N ILE A 268 -18.29 -16.31 -1.11
CA ILE A 268 -18.64 -14.94 -0.75
C ILE A 268 -19.31 -14.26 -1.94
N LEU A 269 -18.69 -14.40 -3.11
CA LEU A 269 -19.24 -13.85 -4.35
C LEU A 269 -20.61 -14.45 -4.73
N LYS A 270 -20.91 -15.64 -4.20
CA LYS A 270 -22.22 -16.27 -4.44
C LYS A 270 -23.26 -15.75 -3.46
N ARG A 271 -22.87 -15.60 -2.20
CA ARG A 271 -23.71 -14.94 -1.22
C ARG A 271 -24.09 -13.53 -1.70
N CYS A 272 -23.10 -12.78 -2.19
CA CYS A 272 -23.33 -11.42 -2.67
C CYS A 272 -24.35 -11.34 -3.82
N LYS A 273 -24.34 -12.32 -4.71
CA LYS A 273 -25.29 -12.36 -5.81
C LYS A 273 -26.73 -12.39 -5.26
N ASP A 274 -26.95 -13.29 -4.30
CA ASP A 274 -28.28 -13.49 -3.76
C ASP A 274 -28.73 -12.29 -2.91
N ALA A 275 -27.78 -11.49 -2.45
CA ALA A 275 -28.07 -10.37 -1.55
C ALA A 275 -28.43 -9.07 -2.28
N VAL A 276 -28.09 -9.00 -3.57
CA VAL A 276 -28.34 -7.82 -4.38
C VAL A 276 -29.38 -8.15 -5.46
N PRO A 277 -30.09 -7.11 -5.93
CA PRO A 277 -31.23 -7.30 -6.84
C PRO A 277 -30.82 -7.78 -8.22
N ARG A 278 -31.62 -8.65 -8.84
CA ARG A 278 -31.41 -9.03 -10.23
C ARG A 278 -31.37 -7.77 -11.11
N ASP A 279 -32.32 -6.87 -10.90
CA ASP A 279 -32.41 -5.67 -11.71
C ASP A 279 -31.43 -4.58 -11.29
N GLY A 280 -30.15 -4.74 -11.65
CA GLY A 280 -29.16 -3.70 -11.39
C GLY A 280 -28.19 -3.84 -10.22
N GLY A 281 -28.49 -4.78 -9.33
CA GLY A 281 -27.61 -5.06 -8.20
C GLY A 281 -26.18 -5.31 -8.66
N LYS A 282 -25.24 -5.04 -7.77
CA LYS A 282 -23.85 -5.28 -8.11
C LYS A 282 -22.93 -5.33 -6.92
N VAL A 283 -21.75 -5.87 -7.18
CA VAL A 283 -20.71 -6.01 -6.21
C VAL A 283 -19.57 -5.15 -6.69
N ILE A 284 -19.08 -4.29 -5.81
CA ILE A 284 -17.95 -3.43 -6.12
C ILE A 284 -16.75 -3.92 -5.36
N ILE A 285 -15.75 -4.39 -6.11
CA ILE A 285 -14.52 -4.94 -5.55
C ILE A 285 -13.36 -3.93 -5.67
N ILE A 286 -12.68 -3.69 -4.56
CA ILE A 286 -11.48 -2.86 -4.63
C ILE A 286 -10.27 -3.69 -4.22
N ASP A 287 -9.36 -3.90 -5.17
CA ASP A 287 -8.20 -4.75 -4.97
C ASP A 287 -7.23 -4.56 -6.13
N ILE A 288 -5.98 -4.94 -5.94
CA ILE A 288 -5.01 -4.83 -7.02
C ILE A 288 -5.35 -5.75 -8.16
N ILE A 289 -5.20 -5.25 -9.39
CA ILE A 289 -5.22 -6.11 -10.57
C ILE A 289 -3.80 -6.17 -11.11
N LEU A 290 -3.16 -7.33 -10.95
CA LEU A 290 -1.85 -7.57 -11.54
C LEU A 290 -1.96 -7.60 -13.05
N ASP A 291 -1.11 -6.82 -13.70
CA ASP A 291 -1.01 -6.84 -15.13
C ASP A 291 0.45 -6.61 -15.46
N VAL A 292 1.17 -7.70 -15.68
CA VAL A 292 2.62 -7.65 -15.90
C VAL A 292 2.97 -7.03 -17.26
N LYS A 293 2.05 -7.18 -18.21
CA LYS A 293 2.22 -6.62 -19.55
C LYS A 293 1.76 -5.16 -19.58
N SER A 294 1.90 -4.48 -18.46
CA SER A 294 1.43 -3.10 -18.35
C SER A 294 2.55 -2.08 -18.16
N GLU A 295 2.37 -0.91 -18.74
CA GLU A 295 3.37 0.13 -18.63
C GLU A 295 2.99 1.15 -17.56
N HIS A 296 1.96 0.83 -16.78
CA HIS A 296 1.55 1.71 -15.68
C HIS A 296 2.62 1.72 -14.60
N PRO A 297 2.88 2.90 -14.03
CA PRO A 297 4.00 3.06 -13.08
C PRO A 297 3.91 2.15 -11.85
N TYR A 298 2.70 1.72 -11.49
CA TYR A 298 2.51 0.94 -10.27
C TYR A 298 2.61 -0.55 -10.50
N THR A 299 2.85 -0.94 -11.74
CA THR A 299 2.92 -2.36 -12.09
C THR A 299 3.94 -3.09 -11.22
N LYS A 300 5.16 -2.56 -11.18
CA LYS A 300 6.19 -3.17 -10.35
C LYS A 300 5.69 -3.34 -8.93
N MET A 301 5.18 -2.27 -8.33
CA MET A 301 4.79 -2.31 -6.92
C MET A 301 3.64 -3.26 -6.66
N ARG A 302 2.71 -3.32 -7.61
CA ARG A 302 1.65 -4.33 -7.56
C ARG A 302 2.25 -5.75 -7.50
N LEU A 303 3.24 -6.04 -8.34
CA LEU A 303 3.95 -7.32 -8.24
C LEU A 303 4.58 -7.52 -6.87
N THR A 304 5.27 -6.49 -6.38
CA THR A 304 5.95 -6.55 -5.09
C THR A 304 4.99 -6.83 -3.95
N LEU A 305 3.83 -6.19 -3.99
CA LEU A 305 2.78 -6.41 -2.98
C LEU A 305 2.32 -7.86 -2.94
N ASP A 306 2.29 -8.51 -4.10
CA ASP A 306 1.97 -9.92 -4.14
C ASP A 306 3.00 -10.82 -3.42
N LEU A 307 4.29 -10.67 -3.74
CA LEU A 307 5.34 -11.37 -3.00
C LEU A 307 5.28 -11.00 -1.50
N ASP A 308 5.00 -9.75 -1.21
CA ASP A 308 4.83 -9.39 0.18
C ASP A 308 3.66 -10.13 0.82
N MET A 309 2.57 -10.25 0.08
CA MET A 309 1.40 -10.99 0.54
C MET A 309 1.79 -12.42 0.92
N MET A 310 2.47 -13.07 -0.02
CA MET A 310 2.90 -14.45 0.10
C MET A 310 3.81 -14.66 1.30
N LEU A 311 4.66 -13.67 1.57
CA LEU A 311 5.62 -13.73 2.68
C LEU A 311 4.99 -13.48 4.06
N ASN A 312 3.88 -12.78 4.12
CA ASN A 312 3.37 -12.32 5.41
C ASN A 312 1.98 -12.78 5.76
N THR A 313 1.05 -12.55 4.84
CA THR A 313 -0.35 -12.79 5.10
C THR A 313 -0.68 -14.18 4.64
N GLY A 314 -0.37 -14.45 3.37
CA GLY A 314 -0.66 -15.74 2.78
C GLY A 314 -1.74 -15.61 1.73
N GLY A 315 -2.04 -14.36 1.38
CA GLY A 315 -2.97 -14.10 0.29
C GLY A 315 -2.20 -13.89 -0.99
N LYS A 316 -2.89 -13.47 -2.04
CA LYS A 316 -2.23 -13.19 -3.31
C LYS A 316 -2.95 -12.05 -3.99
N GLU A 317 -2.31 -11.48 -5.00
CA GLU A 317 -2.96 -10.46 -5.81
C GLU A 317 -3.24 -11.12 -7.15
N ARG A 318 -4.42 -10.89 -7.70
CA ARG A 318 -4.83 -11.57 -8.93
C ARG A 318 -4.71 -10.77 -10.21
N THR A 319 -4.48 -11.49 -11.30
CA THR A 319 -4.45 -10.92 -12.65
C THR A 319 -5.89 -10.74 -13.07
N GLU A 320 -6.12 -10.01 -14.15
CA GLU A 320 -7.50 -9.82 -14.58
C GLU A 320 -8.15 -11.16 -14.95
N GLU A 321 -7.35 -12.06 -15.52
CA GLU A 321 -7.86 -13.37 -15.90
C GLU A 321 -8.31 -14.15 -14.68
N GLU A 322 -7.58 -14.03 -13.59
CA GLU A 322 -7.98 -14.71 -12.37
C GLU A 322 -9.25 -14.13 -11.74
N TRP A 323 -9.44 -12.82 -11.90
CA TRP A 323 -10.65 -12.16 -11.43
C TRP A 323 -11.82 -12.61 -12.30
N LYS A 324 -11.58 -12.60 -13.61
CA LYS A 324 -12.56 -13.06 -14.57
C LYS A 324 -13.09 -14.41 -14.16
N LYS A 325 -12.17 -15.34 -13.93
CA LYS A 325 -12.55 -16.71 -13.63
C LYS A 325 -13.30 -16.84 -12.31
N LEU A 326 -12.90 -16.09 -11.30
CA LEU A 326 -13.59 -16.14 -10.02
C LEU A 326 -15.03 -15.71 -10.23
N ILE A 327 -15.17 -14.57 -10.89
CA ILE A 327 -16.47 -13.97 -11.12
C ILE A 327 -17.30 -14.92 -11.98
N HIS A 328 -16.69 -15.44 -13.04
CA HIS A 328 -17.38 -16.39 -13.91
C HIS A 328 -17.84 -17.60 -13.12
N ASP A 329 -16.96 -18.13 -12.28
CA ASP A 329 -17.29 -19.30 -11.47
C ASP A 329 -18.30 -18.98 -10.37
N ALA A 330 -18.53 -17.70 -10.12
CA ALA A 330 -19.54 -17.30 -9.13
C ALA A 330 -20.92 -17.14 -9.77
N GLY A 331 -20.99 -17.38 -11.08
CA GLY A 331 -22.25 -17.31 -11.80
C GLY A 331 -22.62 -15.93 -12.29
N TYR A 332 -21.63 -15.02 -12.34
CA TYR A 332 -21.91 -13.64 -12.73
C TYR A 332 -22.00 -13.47 -14.23
N LYS A 333 -22.73 -12.44 -14.67
CA LYS A 333 -22.84 -12.06 -16.07
C LYS A 333 -21.52 -11.52 -16.62
N GLY A 334 -20.88 -10.63 -15.87
CA GLY A 334 -19.64 -10.02 -16.30
C GLY A 334 -19.04 -9.12 -15.24
N TYR A 335 -18.24 -8.16 -15.67
CA TYR A 335 -17.59 -7.24 -14.75
C TYR A 335 -17.02 -6.07 -15.54
N LYS A 336 -16.78 -4.97 -14.84
CA LYS A 336 -16.09 -3.86 -15.45
C LYS A 336 -15.00 -3.35 -14.51
N ILE A 337 -13.81 -3.13 -15.06
CA ILE A 337 -12.68 -2.66 -14.29
C ILE A 337 -12.51 -1.17 -14.48
N THR A 338 -12.41 -0.44 -13.38
CA THR A 338 -12.08 0.96 -13.47
C THR A 338 -10.77 1.25 -12.74
N HIS A 339 -9.86 1.93 -13.43
CA HIS A 339 -8.62 2.34 -12.80
C HIS A 339 -8.78 3.63 -12.05
N ILE A 340 -8.12 3.69 -10.90
CA ILE A 340 -8.19 4.87 -10.06
C ILE A 340 -6.77 5.23 -9.61
N SER A 341 -6.63 6.41 -9.02
CA SER A 341 -5.33 6.90 -8.62
C SER A 341 -4.96 6.22 -7.33
N ALA A 342 -4.64 4.95 -7.42
CA ALA A 342 -4.22 4.17 -6.27
C ALA A 342 -3.65 2.88 -6.79
N VAL A 343 -3.05 2.11 -5.90
CA VAL A 343 -2.46 0.85 -6.28
C VAL A 343 -3.59 -0.06 -6.75
N GLN A 344 -4.64 -0.11 -5.94
CA GLN A 344 -5.79 -0.95 -6.24
C GLN A 344 -6.60 -0.42 -7.42
N SER A 345 -7.47 -1.29 -7.92
CA SER A 345 -8.43 -0.97 -8.95
C SER A 345 -9.83 -1.30 -8.44
N VAL A 346 -10.82 -0.97 -9.26
CA VAL A 346 -12.21 -1.21 -8.90
C VAL A 346 -12.80 -2.19 -9.90
N ILE A 347 -13.42 -3.24 -9.40
CA ILE A 347 -14.14 -4.13 -10.27
C ILE A 347 -15.60 -4.10 -9.90
N GLU A 348 -16.42 -3.59 -10.80
CA GLU A 348 -17.87 -3.80 -10.68
C GLU A 348 -18.18 -5.15 -11.29
N ALA A 349 -18.59 -6.09 -10.44
CA ALA A 349 -18.95 -7.42 -10.89
C ALA A 349 -20.47 -7.52 -10.96
N TYR A 350 -20.98 -8.00 -12.11
CA TYR A 350 -22.42 -8.00 -12.39
C TYR A 350 -23.02 -9.41 -12.32
N PRO A 351 -23.87 -9.67 -11.30
CA PRO A 351 -24.40 -11.01 -11.02
C PRO A 351 -25.46 -11.49 -12.03
N TYR A 352 -26.26 -10.56 -12.57
CA TYR A 352 -27.36 -10.92 -13.47
C TYR A 352 -27.25 -10.19 -14.81
K K B . 17.97 -6.62 5.09
#